data_5BXV
#
_entry.id   5BXV
#
_cell.length_a   67.607
_cell.length_b   67.830
_cell.length_c   79.084
_cell.angle_alpha   90.000
_cell.angle_beta   112.430
_cell.angle_gamma   90.000
#
_symmetry.space_group_name_H-M   'P 1 21 1'
#
loop_
_entity.id
_entity.type
_entity.pdbx_description
1 polymer 'Eukaryotic translation initiation factor 4E'
2 polymer 'Eukaryotic translation initiation factor 4E-binding protein 1'
3 non-polymer "7-METHYL-GUANOSINE-5'-TRIPHOSPHATE"
4 water water
#
loop_
_entity_poly.entity_id
_entity_poly.type
_entity_poly.pdbx_seq_one_letter_code
_entity_poly.pdbx_strand_id
1 'polypeptide(L)'
;GEVANPEHYIKHPLQNRWALWFFKNDKSKTWQANLRLISKFDTVEDFWALYNHIQLSSNLMPGCDYSLFKDGIEPMWEDE
KNKRGGRWLITLNKQQRRSDLDRFWLETLLCLIGESFDDYSDDVCGAVVNVRAKGDKIAIWTTECENRDAVTHIGRVYKE
RLGLPPKIVIGYQSHADTATKSGSTTKNRFVV
;
A,C
2 'polypeptide(L)' GEFSTTPGGTRIIYDRKFLMECRNSPVTKTPPRDLPTIPGVTSP B,D
#
# COMPACT_ATOMS: atom_id res chain seq x y z
N HIS A 8 23.76 -22.82 -1.24
CA HIS A 8 25.20 -22.67 -1.12
C HIS A 8 25.64 -21.24 -1.42
N TYR A 9 25.49 -20.39 -0.41
CA TYR A 9 25.75 -18.96 -0.54
C TYR A 9 26.22 -18.43 0.80
N ILE A 10 27.25 -17.60 0.75
CA ILE A 10 27.75 -16.91 1.92
C ILE A 10 27.25 -15.50 1.82
N LYS A 11 26.50 -15.07 2.83
CA LYS A 11 25.95 -13.72 2.81
C LYS A 11 27.04 -12.71 3.14
N HIS A 12 26.84 -11.49 2.66
CA HIS A 12 27.78 -10.42 2.91
C HIS A 12 27.37 -9.58 4.13
N PRO A 13 28.19 -9.55 5.19
CA PRO A 13 27.83 -8.82 6.41
C PRO A 13 27.91 -7.31 6.26
N LEU A 14 27.03 -6.64 6.98
CA LEU A 14 26.99 -5.19 7.04
C LEU A 14 27.82 -4.79 8.22
N GLN A 15 28.32 -3.56 8.18
CA GLN A 15 29.00 -2.94 9.34
C GLN A 15 28.09 -2.88 10.55
N ASN A 16 26.80 -2.61 10.33
CA ASN A 16 25.85 -2.44 11.42
C ASN A 16 24.66 -3.36 11.25
N ARG A 17 24.05 -3.72 12.37
CA ARG A 17 22.77 -4.37 12.37
C ARG A 17 21.69 -3.28 12.33
N TRP A 18 20.65 -3.50 11.50
CA TRP A 18 19.59 -2.51 11.29
C TRP A 18 18.21 -3.05 11.59
N ALA A 19 17.28 -2.16 11.95
CA ALA A 19 15.90 -2.50 12.25
C ALA A 19 14.98 -1.65 11.42
N LEU A 20 14.06 -2.32 10.73
CA LEU A 20 12.98 -1.65 10.02
C LEU A 20 11.69 -1.59 10.86
N TRP A 21 11.21 -0.36 11.00
CA TRP A 21 10.01 0.01 11.74
C TRP A 21 8.94 0.48 10.81
N PHE A 22 7.69 0.22 11.19
CA PHE A 22 6.53 0.74 10.49
C PHE A 22 5.68 1.55 11.48
N PHE A 23 5.16 2.69 11.02
CA PHE A 23 4.21 3.54 11.75
C PHE A 23 2.85 3.54 11.07
N LYS A 24 1.87 3.06 11.84
CA LYS A 24 0.50 2.91 11.42
C LYS A 24 -0.31 4.11 11.89
N ASN A 25 -0.89 4.82 10.96
CA ASN A 25 -1.66 5.98 11.29
C ASN A 25 -3.01 5.64 12.01
N ASP A 26 -2.97 5.39 13.32
CA ASP A 26 -4.22 5.19 14.09
C ASP A 26 -4.40 6.36 15.07
N LYS A 27 -5.38 7.19 14.76
CA LYS A 27 -5.61 8.45 15.45
C LYS A 27 -6.19 8.26 16.85
N SER A 28 -6.63 7.04 17.18
CA SER A 28 -7.07 6.72 18.53
C SER A 28 -5.91 6.56 19.48
N LYS A 29 -4.75 6.23 18.92
CA LYS A 29 -3.65 5.74 19.72
C LYS A 29 -2.52 6.76 19.79
N THR A 30 -1.62 6.61 20.75
CA THR A 30 -0.55 7.57 20.91
C THR A 30 0.49 7.30 19.85
N TRP A 31 1.27 8.33 19.55
CA TRP A 31 2.25 8.25 18.48
C TRP A 31 3.17 7.06 18.74
N GLN A 32 3.76 6.98 19.92
CA GLN A 32 4.64 5.85 20.19
C GLN A 32 3.92 4.50 20.07
N ALA A 33 2.64 4.43 20.44
CA ALA A 33 1.90 3.15 20.40
C ALA A 33 1.57 2.67 18.95
N ASN A 34 1.77 3.55 17.97
CA ASN A 34 1.52 3.22 16.57
C ASN A 34 2.78 2.67 15.88
N LEU A 35 3.89 2.78 16.60
CA LEU A 35 5.20 2.34 16.11
C LEU A 35 5.37 0.85 16.31
N ARG A 36 5.89 0.20 15.28
CA ARG A 36 5.98 -1.24 15.27
C ARG A 36 7.26 -1.75 14.57
N LEU A 37 7.99 -2.65 15.23
CA LEU A 37 9.15 -3.31 14.63
C LEU A 37 8.74 -4.34 13.59
N ILE A 38 9.28 -4.22 12.40
CA ILE A 38 9.00 -5.23 11.38
C ILE A 38 10.04 -6.33 11.45
N SER A 39 11.31 -5.95 11.40
CA SER A 39 12.35 -6.94 11.26
C SER A 39 13.72 -6.32 11.39
N LYS A 40 14.72 -7.14 11.73
CA LYS A 40 16.12 -6.66 11.81
C LYS A 40 16.98 -7.49 10.86
N PHE A 41 18.08 -6.92 10.38
CA PHE A 41 19.01 -7.67 9.52
C PHE A 41 20.45 -7.15 9.66
N ASP A 42 21.44 -7.99 9.31
CA ASP A 42 22.83 -7.56 9.31
C ASP A 42 23.65 -8.11 8.14
N THR A 43 22.97 -8.52 7.06
CA THR A 43 23.66 -8.81 5.81
C THR A 43 22.96 -8.11 4.64
N VAL A 44 23.70 -7.91 3.55
CA VAL A 44 23.11 -7.38 2.31
C VAL A 44 21.92 -8.24 1.83
N GLU A 45 22.11 -9.56 1.83
CA GLU A 45 21.12 -10.44 1.26
C GLU A 45 19.84 -10.47 2.13
N ASP A 46 20.01 -10.40 3.45
CA ASP A 46 18.85 -10.29 4.34
C ASP A 46 18.10 -8.97 4.17
N PHE A 47 18.85 -7.89 3.92
CA PHE A 47 18.24 -6.64 3.56
C PHE A 47 17.35 -6.86 2.34
N TRP A 48 17.89 -7.47 1.29
CA TRP A 48 17.06 -7.61 0.11
C TRP A 48 15.91 -8.57 0.34
N ALA A 49 16.12 -9.60 1.15
CA ALA A 49 15.04 -10.51 1.45
C ALA A 49 13.88 -9.74 2.13
N LEU A 50 14.23 -8.82 3.03
CA LEU A 50 13.19 -8.00 3.68
C LEU A 50 12.52 -7.08 2.67
N TYR A 51 13.35 -6.34 1.93
CA TYR A 51 12.86 -5.35 0.99
C TYR A 51 11.94 -5.98 -0.03
N ASN A 52 12.26 -7.20 -0.46
CA ASN A 52 11.48 -7.86 -1.50
C ASN A 52 10.14 -8.37 -1.04
N HIS A 53 9.90 -8.37 0.27
CA HIS A 53 8.63 -8.83 0.80
C HIS A 53 7.90 -7.79 1.65
N ILE A 54 8.22 -6.52 1.43
CA ILE A 54 7.41 -5.46 2.02
C ILE A 54 6.91 -4.53 0.93
N GLN A 55 5.91 -3.74 1.31
CA GLN A 55 5.22 -2.82 0.40
C GLN A 55 6.08 -1.62 0.02
N LEU A 56 5.94 -1.14 -1.21
CA LEU A 56 6.58 0.10 -1.62
C LEU A 56 6.04 1.26 -0.83
N SER A 57 6.91 2.22 -0.50
CA SER A 57 6.50 3.39 0.27
C SER A 57 5.34 4.13 -0.32
N SER A 58 5.36 4.27 -1.65
CA SER A 58 4.30 4.97 -2.36
C SER A 58 2.92 4.33 -2.20
N ASN A 59 2.88 3.06 -1.81
CA ASN A 59 1.60 2.36 -1.54
C ASN A 59 1.21 2.26 -0.05
N LEU A 60 1.95 2.90 0.83
CA LEU A 60 1.55 2.91 2.25
C LEU A 60 0.31 3.78 2.39
N MET A 61 -0.54 3.46 3.37
CA MET A 61 -1.68 4.31 3.72
C MET A 61 -1.21 5.73 4.14
N PRO A 62 -1.92 6.78 3.74
CA PRO A 62 -1.57 8.14 4.15
C PRO A 62 -1.42 8.29 5.67
N GLY A 63 -0.41 9.05 6.11
CA GLY A 63 -0.06 9.14 7.51
C GLY A 63 0.86 8.04 8.04
N CYS A 64 1.17 7.05 7.21
CA CYS A 64 2.06 5.97 7.63
C CYS A 64 3.51 6.24 7.32
N ASP A 65 4.41 5.62 8.08
CA ASP A 65 5.87 5.72 7.83
C ASP A 65 6.62 4.39 7.76
N TYR A 66 7.76 4.42 7.08
CA TYR A 66 8.81 3.41 7.33
C TYR A 66 10.00 4.10 7.98
N SER A 67 10.69 3.42 8.88
CA SER A 67 11.96 3.93 9.45
C SER A 67 13.01 2.81 9.42
N LEU A 68 14.25 3.11 9.01
CA LEU A 68 15.32 2.14 9.13
C LEU A 68 16.35 2.74 10.07
N PHE A 69 16.59 2.09 11.22
CA PHE A 69 17.51 2.63 12.21
C PHE A 69 18.50 1.60 12.70
N LYS A 70 19.68 2.07 13.09
CA LYS A 70 20.66 1.16 13.68
C LYS A 70 20.06 0.47 14.93
N ASP A 71 20.39 -0.80 15.06
CA ASP A 71 19.90 -1.63 16.16
C ASP A 71 20.16 -0.93 17.47
N GLY A 72 19.13 -0.74 18.26
CA GLY A 72 19.28 -0.12 19.57
C GLY A 72 18.87 1.32 19.59
N ILE A 73 18.64 1.90 18.40
CA ILE A 73 18.13 3.25 18.32
C ILE A 73 16.67 3.23 17.90
N GLU A 74 15.80 3.74 18.76
CA GLU A 74 14.39 3.87 18.39
C GLU A 74 14.19 5.09 17.51
N PRO A 75 13.25 5.01 16.57
CA PRO A 75 13.09 6.08 15.58
C PRO A 75 12.26 7.26 16.09
N MET A 76 12.71 7.82 17.22
CA MET A 76 12.00 8.92 17.81
C MET A 76 13.00 9.91 18.41
N TRP A 77 12.56 11.16 18.50
CA TRP A 77 13.36 12.27 19.03
C TRP A 77 13.98 11.95 20.40
N GLU A 78 13.18 11.30 21.25
CA GLU A 78 13.54 11.05 22.63
C GLU A 78 14.70 10.09 22.84
N ASP A 79 15.01 9.26 21.85
CA ASP A 79 16.14 8.34 22.00
C ASP A 79 17.42 9.11 22.31
N GLU A 80 18.22 8.58 23.21
CA GLU A 80 19.51 9.19 23.56
C GLU A 80 20.31 9.65 22.32
N LYS A 81 20.26 8.86 21.24
CA LYS A 81 21.13 9.11 20.07
C LYS A 81 20.49 10.11 19.09
N ASN A 82 19.20 10.37 19.26
CA ASN A 82 18.51 11.37 18.44
C ASN A 82 18.24 12.72 19.12
N LYS A 83 18.21 12.71 20.45
CA LYS A 83 17.86 13.90 21.28
C LYS A 83 18.49 15.22 20.85
N ARG A 84 19.78 15.17 20.65
CA ARG A 84 20.56 16.35 20.30
C ARG A 84 20.80 16.38 18.78
N GLY A 85 20.18 15.44 18.08
CA GLY A 85 20.42 15.25 16.66
C GLY A 85 19.50 16.06 15.77
N GLY A 86 19.50 15.68 14.51
CA GLY A 86 18.70 16.41 13.53
C GLY A 86 18.53 15.59 12.24
N ARG A 87 17.90 16.18 11.22
CA ARG A 87 17.68 15.46 9.95
C ARG A 87 17.95 16.30 8.69
N TRP A 88 18.47 15.60 7.65
CA TRP A 88 18.49 16.10 6.29
C TRP A 88 17.21 15.65 5.64
N LEU A 89 16.40 16.62 5.24
CA LEU A 89 15.04 16.37 4.82
C LEU A 89 14.80 16.85 3.40
N ILE A 90 14.10 16.01 2.64
CA ILE A 90 13.47 16.45 1.38
C ILE A 90 11.99 16.17 1.43
N THR A 91 11.25 17.03 0.75
CA THR A 91 9.80 16.97 0.64
C THR A 91 9.43 16.87 -0.84
N LEU A 92 8.51 15.96 -1.15
CA LEU A 92 8.08 15.70 -2.53
C LEU A 92 6.69 16.26 -2.73
N ASN A 93 6.34 16.65 -3.95
CA ASN A 93 4.95 16.98 -4.26
C ASN A 93 4.26 15.73 -4.83
N LYS A 94 3.03 15.90 -5.29
CA LYS A 94 2.15 14.78 -5.57
C LYS A 94 2.58 13.92 -6.79
N GLN A 95 3.07 14.56 -7.85
CA GLN A 95 3.53 13.80 -9.01
C GLN A 95 4.86 13.08 -8.70
N GLN A 96 5.61 13.65 -7.78
CA GLN A 96 6.88 13.07 -7.38
C GLN A 96 6.65 11.79 -6.52
N ARG A 97 5.45 11.60 -5.96
CA ARG A 97 5.22 10.34 -5.26
C ARG A 97 5.37 9.21 -6.27
N ARG A 98 4.67 9.35 -7.39
CA ARG A 98 4.66 8.35 -8.44
C ARG A 98 6.04 8.22 -9.07
N SER A 99 6.66 9.35 -9.41
CA SER A 99 7.91 9.26 -10.17
C SER A 99 9.22 9.03 -9.36
N ASP A 100 9.30 9.49 -8.12
CA ASP A 100 10.60 9.53 -7.41
C ASP A 100 10.64 8.98 -5.96
N LEU A 101 9.52 8.86 -5.28
CA LEU A 101 9.54 8.52 -3.84
C LEU A 101 10.26 7.19 -3.59
N ASP A 102 9.85 6.16 -4.31
CA ASP A 102 10.35 4.82 -4.12
C ASP A 102 11.85 4.76 -4.49
N ARG A 103 12.21 5.43 -5.57
CA ARG A 103 13.60 5.48 -6.00
C ARG A 103 14.49 6.15 -4.95
N PHE A 104 14.07 7.32 -4.47
CA PHE A 104 14.84 8.05 -3.46
C PHE A 104 14.93 7.27 -2.15
N TRP A 105 13.83 6.60 -1.77
CA TRP A 105 13.84 5.83 -0.50
C TRP A 105 14.84 4.70 -0.62
N LEU A 106 14.80 3.97 -1.73
CA LEU A 106 15.75 2.85 -1.87
C LEU A 106 17.21 3.36 -1.88
N GLU A 107 17.46 4.40 -2.64
CA GLU A 107 18.80 5.02 -2.62
C GLU A 107 19.27 5.41 -1.17
N THR A 108 18.34 5.97 -0.39
CA THR A 108 18.58 6.32 1.00
C THR A 108 18.98 5.07 1.79
N LEU A 109 18.17 4.02 1.68
CA LEU A 109 18.45 2.77 2.36
C LEU A 109 19.88 2.21 2.01
N LEU A 110 20.26 2.30 0.74
CA LEU A 110 21.58 1.75 0.33
C LEU A 110 22.71 2.62 0.89
N CYS A 111 22.48 3.92 1.00
CA CYS A 111 23.44 4.81 1.68
C CYS A 111 23.64 4.38 3.13
N LEU A 112 22.54 4.09 3.81
CA LEU A 112 22.66 3.60 5.18
C LEU A 112 23.44 2.32 5.29
N ILE A 113 22.96 1.25 4.66
CA ILE A 113 23.52 -0.06 4.97
C ILE A 113 24.94 -0.20 4.42
N GLY A 114 25.23 0.55 3.35
CA GLY A 114 26.53 0.48 2.71
C GLY A 114 27.62 1.33 3.36
N GLU A 115 27.22 2.12 4.36
CA GLU A 115 28.14 2.99 5.10
C GLU A 115 28.86 3.93 4.15
N SER A 116 28.04 4.72 3.44
CA SER A 116 28.49 5.56 2.34
C SER A 116 29.08 6.93 2.69
N PHE A 117 29.21 7.22 3.98
CA PHE A 117 29.58 8.56 4.44
C PHE A 117 30.95 8.60 5.11
N ASP A 118 31.76 7.60 4.79
CA ASP A 118 33.12 7.49 5.29
C ASP A 118 33.09 7.34 6.81
N ASP A 119 33.91 8.10 7.53
CA ASP A 119 33.96 7.96 8.98
C ASP A 119 32.67 8.49 9.60
N TYR A 120 32.12 9.51 8.94
CA TYR A 120 30.95 10.19 9.43
C TYR A 120 29.73 9.28 9.41
N SER A 121 29.85 8.09 8.80
CA SER A 121 28.76 7.12 8.84
C SER A 121 28.39 6.79 10.28
N ASP A 122 29.35 6.93 11.20
CA ASP A 122 29.03 6.66 12.60
C ASP A 122 28.08 7.71 13.17
N ASP A 123 27.90 8.84 12.49
CA ASP A 123 26.96 9.88 12.93
C ASP A 123 25.53 9.63 12.49
N VAL A 124 25.35 8.71 11.54
CA VAL A 124 24.03 8.39 11.01
C VAL A 124 23.26 7.53 12.01
N CYS A 125 22.06 7.93 12.38
CA CYS A 125 21.21 7.07 13.22
C CYS A 125 20.26 6.17 12.40
N GLY A 126 19.66 6.76 11.36
CA GLY A 126 18.70 6.05 10.55
C GLY A 126 18.09 6.97 9.52
N ALA A 127 17.01 6.47 8.91
CA ALA A 127 16.26 7.29 7.96
C ALA A 127 14.78 6.98 8.06
N VAL A 128 13.99 7.95 7.58
CA VAL A 128 12.55 7.93 7.76
C VAL A 128 11.87 8.38 6.45
N VAL A 129 10.88 7.61 6.03
CA VAL A 129 9.96 8.10 5.00
C VAL A 129 8.52 8.22 5.55
N ASN A 130 8.01 9.43 5.37
CA ASN A 130 6.65 9.87 5.76
C ASN A 130 5.77 9.99 4.55
N VAL A 131 4.78 9.11 4.44
CA VAL A 131 3.80 9.20 3.37
C VAL A 131 2.66 10.09 3.83
N ARG A 132 2.47 11.22 3.15
CA ARG A 132 1.56 12.29 3.57
C ARG A 132 0.79 12.91 2.39
N ALA A 133 -0.48 13.23 2.62
CA ALA A 133 -1.30 13.92 1.61
C ALA A 133 -0.67 15.25 1.19
N LYS A 134 -0.18 16.02 2.15
CA LYS A 134 0.40 17.33 1.86
C LYS A 134 1.77 17.29 1.19
N GLY A 135 2.39 16.11 1.13
CA GLY A 135 3.67 15.97 0.48
C GLY A 135 4.57 15.01 1.22
N ASP A 136 5.06 14.01 0.51
CA ASP A 136 5.82 12.94 1.13
C ASP A 136 7.18 13.48 1.55
N LYS A 137 7.75 12.90 2.60
CA LYS A 137 9.06 13.34 3.10
C LYS A 137 10.02 12.18 3.27
N ILE A 138 11.29 12.40 2.91
CA ILE A 138 12.34 11.44 3.19
C ILE A 138 13.44 12.15 3.98
N ALA A 139 13.96 11.52 5.03
CA ALA A 139 15.07 12.13 5.75
C ALA A 139 16.08 11.16 6.30
N ILE A 140 17.31 11.67 6.42
CA ILE A 140 18.33 10.96 7.17
C ILE A 140 18.55 11.67 8.49
N TRP A 141 18.46 10.89 9.57
CA TRP A 141 18.62 11.35 10.93
C TRP A 141 20.08 11.16 11.36
N THR A 142 20.66 12.21 11.93
CA THR A 142 22.02 12.15 12.45
C THR A 142 22.03 12.53 13.93
N THR A 143 23.10 12.11 14.61
CA THR A 143 23.10 12.04 16.06
C THR A 143 23.39 13.38 16.78
N GLU A 144 24.09 14.30 16.12
CA GLU A 144 24.52 15.56 16.80
C GLU A 144 24.44 16.73 15.83
N CYS A 145 23.45 17.60 16.01
CA CYS A 145 23.19 18.67 15.07
C CYS A 145 24.39 19.64 15.09
N GLU A 146 25.19 19.56 16.16
CA GLU A 146 26.34 20.43 16.38
C GLU A 146 27.65 19.93 15.78
N ASN A 147 27.68 18.68 15.35
CA ASN A 147 28.82 18.12 14.62
C ASN A 147 28.75 18.58 13.17
N ARG A 148 29.14 19.83 12.96
CA ARG A 148 28.86 20.49 11.70
C ARG A 148 29.63 19.85 10.53
N ASP A 149 30.80 19.26 10.80
CA ASP A 149 31.61 18.60 9.75
C ASP A 149 30.90 17.37 9.24
N ALA A 150 30.53 16.52 10.20
CA ALA A 150 29.75 15.31 9.91
C ALA A 150 28.46 15.64 9.17
N VAL A 151 27.72 16.62 9.69
CA VAL A 151 26.42 17.01 9.13
C VAL A 151 26.61 17.45 7.68
N THR A 152 27.58 18.34 7.48
CA THR A 152 27.85 18.87 6.14
C THR A 152 28.21 17.76 5.16
N HIS A 153 29.13 16.90 5.57
CA HIS A 153 29.56 15.84 4.66
C HIS A 153 28.42 14.87 4.34
N ILE A 154 27.69 14.43 5.36
CA ILE A 154 26.55 13.54 5.15
C ILE A 154 25.59 14.17 4.16
N GLY A 155 25.27 15.44 4.36
CA GLY A 155 24.33 16.10 3.49
C GLY A 155 24.82 16.13 2.04
N ARG A 156 26.09 16.48 1.85
CA ARG A 156 26.65 16.60 0.51
C ARG A 156 26.61 15.25 -0.24
N VAL A 157 27.11 14.21 0.43
CA VAL A 157 27.16 12.90 -0.19
C VAL A 157 25.74 12.39 -0.48
N TYR A 158 24.84 12.59 0.49
CA TYR A 158 23.45 12.15 0.36
C TYR A 158 22.74 12.81 -0.83
N LYS A 159 22.85 14.12 -0.93
CA LYS A 159 22.35 14.84 -2.10
C LYS A 159 22.92 14.29 -3.43
N GLU A 160 24.23 14.01 -3.47
CA GLU A 160 24.82 13.40 -4.67
C GLU A 160 24.26 12.00 -4.98
N ARG A 161 24.15 11.14 -3.96
CA ARG A 161 23.70 9.80 -4.19
C ARG A 161 22.20 9.76 -4.60
N LEU A 162 21.40 10.65 -4.05
CA LEU A 162 20.02 10.78 -4.50
C LEU A 162 19.90 11.26 -5.92
N GLY A 163 20.85 12.08 -6.36
CA GLY A 163 20.78 12.67 -7.68
C GLY A 163 19.68 13.72 -7.73
N LEU A 164 19.57 14.54 -6.67
CA LEU A 164 18.50 15.50 -6.60
C LEU A 164 18.58 16.55 -7.68
N PRO A 165 17.47 16.78 -8.40
CA PRO A 165 17.42 17.93 -9.30
C PRO A 165 17.31 19.18 -8.47
N PRO A 166 17.70 20.33 -9.03
CA PRO A 166 17.73 21.53 -8.19
C PRO A 166 16.36 21.94 -7.68
N LYS A 167 15.29 21.52 -8.35
CA LYS A 167 13.95 21.90 -7.92
C LYS A 167 13.53 21.20 -6.61
N ILE A 168 14.27 20.19 -6.20
CA ILE A 168 14.04 19.59 -4.89
C ILE A 168 15.17 19.93 -3.93
N VAL A 169 14.91 20.82 -2.99
CA VAL A 169 15.93 21.29 -2.07
C VAL A 169 16.03 20.38 -0.87
N ILE A 170 17.23 20.29 -0.32
CA ILE A 170 17.51 19.46 0.82
C ILE A 170 17.99 20.33 1.96
N GLY A 171 17.34 20.19 3.11
CA GLY A 171 17.60 21.08 4.24
C GLY A 171 17.81 20.34 5.56
N TYR A 172 18.60 20.93 6.43
CA TYR A 172 18.89 20.29 7.73
C TYR A 172 18.19 21.01 8.86
N GLN A 173 17.53 20.24 9.74
CA GLN A 173 16.93 20.83 10.95
C GLN A 173 17.13 19.95 12.19
N SER A 174 17.30 20.59 13.34
CA SER A 174 17.47 19.84 14.60
C SER A 174 16.11 19.31 15.04
N HIS A 175 16.09 18.18 15.71
CA HIS A 175 14.83 17.65 16.19
C HIS A 175 14.26 18.59 17.28
N ALA A 176 15.13 19.30 18.00
CA ALA A 176 14.68 20.23 19.05
C ALA A 176 13.78 21.28 18.45
N ASP A 177 14.18 21.79 17.29
CA ASP A 177 13.37 22.78 16.60
C ASP A 177 12.07 22.16 16.05
N THR A 178 12.17 21.00 15.41
CA THR A 178 10.98 20.30 14.91
C THR A 178 9.94 20.11 16.02
N ALA A 179 10.40 19.64 17.17
CA ALA A 179 9.52 19.29 18.27
C ALA A 179 8.95 20.53 18.95
N THR A 180 9.50 21.69 18.60
CA THR A 180 9.00 22.97 19.09
C THR A 180 7.86 23.47 18.20
N LYS A 181 8.17 23.59 16.91
CA LYS A 181 7.20 23.96 15.88
C LYS A 181 6.11 22.88 15.71
N THR B 10 38.50 -2.53 10.50
CA THR B 10 38.18 -1.47 9.55
C THR B 10 36.76 -1.62 8.97
N ARG B 11 36.23 -0.53 8.44
CA ARG B 11 34.81 -0.44 8.16
C ARG B 11 34.40 -1.27 6.96
N ILE B 12 33.27 -1.95 7.06
CA ILE B 12 32.69 -2.63 5.90
C ILE B 12 31.83 -1.67 5.10
N ILE B 13 32.30 -1.39 3.90
CA ILE B 13 31.67 -0.46 2.98
C ILE B 13 31.26 -1.16 1.68
N TYR B 14 30.08 -0.83 1.18
CA TYR B 14 29.62 -1.36 -0.09
C TYR B 14 29.15 -0.25 -1.01
N ASP B 15 29.61 -0.21 -2.25
CA ASP B 15 29.02 0.78 -3.16
C ASP B 15 27.68 0.28 -3.73
N ARG B 16 26.99 1.22 -4.35
CA ARG B 16 25.69 0.96 -4.91
C ARG B 16 25.67 -0.24 -5.89
N LYS B 17 26.62 -0.33 -6.80
CA LYS B 17 26.55 -1.33 -7.86
C LYS B 17 26.57 -2.74 -7.28
N PHE B 18 27.43 -2.95 -6.30
CA PHE B 18 27.50 -4.24 -5.64
C PHE B 18 26.22 -4.59 -4.84
N LEU B 19 25.72 -3.63 -4.08
CA LEU B 19 24.46 -3.84 -3.34
C LEU B 19 23.35 -4.23 -4.31
N MET B 20 23.26 -3.52 -5.42
CA MET B 20 22.25 -3.85 -6.42
C MET B 20 22.46 -5.27 -6.99
N GLU B 21 23.72 -5.64 -7.27
CA GLU B 21 23.99 -7.01 -7.81
C GLU B 21 23.56 -8.11 -6.83
N CYS B 22 23.77 -7.90 -5.53
CA CYS B 22 23.33 -8.86 -4.55
C CYS B 22 21.80 -9.15 -4.52
N ARG B 23 20.98 -8.24 -5.07
CA ARG B 23 19.54 -8.43 -5.02
C ARG B 23 19.14 -9.69 -5.78
N ASN B 24 19.94 -10.06 -6.78
CA ASN B 24 19.65 -11.21 -7.63
C ASN B 24 19.93 -12.55 -6.94
N SER B 25 20.61 -12.50 -5.81
CA SER B 25 20.94 -13.70 -5.07
C SER B 25 19.72 -14.56 -4.73
N PRO B 26 19.90 -15.89 -4.72
CA PRO B 26 18.73 -16.75 -4.46
C PRO B 26 18.19 -16.62 -3.05
N VAL B 27 19.03 -16.18 -2.12
CA VAL B 27 18.56 -16.07 -0.75
C VAL B 27 17.58 -14.90 -0.56
N THR B 28 17.49 -13.98 -1.52
CA THR B 28 16.58 -12.86 -1.37
C THR B 28 15.13 -13.16 -1.80
N LYS B 29 14.86 -14.37 -2.24
CA LYS B 29 13.51 -14.72 -2.70
C LYS B 29 12.60 -15.36 -1.63
N THR B 30 13.12 -15.53 -0.43
CA THR B 30 12.37 -16.10 0.69
C THR B 30 12.20 -15.00 1.71
N PRO B 31 10.98 -14.83 2.26
CA PRO B 31 10.90 -13.76 3.28
C PRO B 31 11.62 -14.13 4.56
N PRO B 32 12.03 -13.12 5.35
CA PRO B 32 12.60 -13.33 6.68
C PRO B 32 11.69 -14.22 7.51
N ARG B 33 12.25 -15.08 8.36
CA ARG B 33 11.52 -16.17 9.00
C ARG B 33 10.36 -15.74 9.89
N ASP B 34 10.52 -14.67 10.64
CA ASP B 34 9.45 -14.25 11.54
C ASP B 34 8.85 -12.92 11.10
N LEU B 35 8.72 -12.75 9.79
CA LEU B 35 8.12 -11.54 9.27
C LEU B 35 6.67 -11.49 9.77
N PRO B 36 6.27 -10.39 10.39
CA PRO B 36 4.89 -10.35 10.91
C PRO B 36 3.86 -10.17 9.81
N THR B 37 2.63 -10.52 10.14
CA THR B 37 1.52 -10.32 9.25
C THR B 37 0.94 -8.93 9.45
N ILE B 38 1.04 -8.11 8.41
CA ILE B 38 0.55 -6.74 8.42
C ILE B 38 -0.03 -6.52 7.04
N PRO B 39 -1.33 -6.85 6.89
CA PRO B 39 -1.92 -6.85 5.56
C PRO B 39 -1.71 -5.50 4.87
N GLY B 40 -1.25 -5.55 3.63
CA GLY B 40 -0.98 -4.35 2.88
C GLY B 40 0.44 -3.89 2.99
N VAL B 41 1.20 -4.44 3.95
CA VAL B 41 2.51 -3.92 4.26
C VAL B 41 3.58 -4.99 4.10
N THR B 42 3.31 -6.17 4.61
CA THR B 42 4.21 -7.29 4.51
C THR B 42 3.59 -8.43 3.74
N SER B 43 4.47 -9.26 3.17
CA SER B 43 4.10 -10.51 2.49
C SER B 43 4.87 -11.69 3.11
N PRO B 44 4.46 -12.12 4.28
CA PRO B 44 5.09 -13.32 4.84
C PRO B 44 4.72 -14.57 4.03
N HIS C 8 2.49 14.96 -21.11
CA HIS C 8 1.60 14.20 -20.25
C HIS C 8 0.17 14.57 -20.58
N TYR C 9 -0.76 13.71 -20.19
CA TYR C 9 -2.17 13.88 -20.52
C TYR C 9 -2.96 14.32 -19.29
N ILE C 10 -4.06 15.04 -19.49
CA ILE C 10 -4.87 15.47 -18.37
C ILE C 10 -5.85 14.36 -18.09
N LYS C 11 -5.90 13.95 -16.83
CA LYS C 11 -6.67 12.80 -16.39
C LYS C 11 -7.92 13.28 -15.65
N HIS C 12 -8.94 12.43 -15.58
CA HIS C 12 -10.13 12.75 -14.81
C HIS C 12 -10.01 12.25 -13.36
N PRO C 13 -10.00 13.17 -12.38
CA PRO C 13 -9.74 12.73 -11.01
C PRO C 13 -10.94 12.00 -10.39
N LEU C 14 -10.69 11.11 -9.44
CA LEU C 14 -11.75 10.41 -8.72
C LEU C 14 -12.01 11.07 -7.39
N GLN C 15 -13.23 10.92 -6.90
CA GLN C 15 -13.58 11.38 -5.55
C GLN C 15 -12.67 10.77 -4.49
N ASN C 16 -12.36 9.48 -4.67
CA ASN C 16 -11.54 8.75 -3.71
C ASN C 16 -10.35 8.06 -4.38
N ARG C 17 -9.33 7.82 -3.58
CA ARG C 17 -8.24 6.93 -3.95
C ARG C 17 -8.57 5.52 -3.54
N TRP C 18 -8.29 4.57 -4.43
CA TRP C 18 -8.71 3.20 -4.29
C TRP C 18 -7.49 2.28 -4.39
N ALA C 19 -7.58 1.14 -3.70
CA ALA C 19 -6.51 0.14 -3.67
C ALA C 19 -7.06 -1.21 -4.08
N LEU C 20 -6.32 -1.85 -4.97
CA LEU C 20 -6.66 -3.19 -5.47
C LEU C 20 -5.87 -4.21 -4.69
N TRP C 21 -6.59 -5.15 -4.14
CA TRP C 21 -6.06 -6.21 -3.32
C TRP C 21 -6.29 -7.53 -4.05
N PHE C 22 -5.35 -8.46 -3.82
CA PHE C 22 -5.40 -9.81 -4.32
C PHE C 22 -5.28 -10.81 -3.18
N PHE C 23 -6.03 -11.90 -3.26
CA PHE C 23 -5.94 -13.00 -2.31
C PHE C 23 -5.69 -14.29 -3.05
N LYS C 24 -4.60 -14.97 -2.69
CA LYS C 24 -4.39 -16.36 -3.11
C LYS C 24 -4.54 -17.33 -1.95
N ASN C 25 -5.23 -18.44 -2.14
CA ASN C 25 -5.52 -19.36 -1.03
C ASN C 25 -4.37 -20.31 -0.67
N ASP C 26 -3.14 -19.82 -0.63
CA ASP C 26 -2.02 -20.60 -0.13
C ASP C 26 -2.33 -21.13 1.27
N LYS C 27 -2.63 -22.42 1.38
CA LYS C 27 -3.14 -22.96 2.64
C LYS C 27 -2.08 -23.18 3.71
N SER C 28 -0.81 -22.88 3.41
CA SER C 28 0.22 -22.95 4.43
C SER C 28 0.19 -21.71 5.31
N LYS C 29 -0.66 -20.75 4.96
CA LYS C 29 -0.72 -19.47 5.65
C LYS C 29 -2.10 -19.13 6.16
N THR C 30 -2.15 -18.24 7.14
CA THR C 30 -3.40 -17.70 7.63
C THR C 30 -4.06 -16.86 6.56
N TRP C 31 -5.38 -16.76 6.66
CA TRP C 31 -6.17 -15.98 5.72
C TRP C 31 -5.57 -14.57 5.59
N GLN C 32 -5.34 -13.91 6.72
CA GLN C 32 -4.84 -12.54 6.72
C GLN C 32 -3.52 -12.46 5.94
N ALA C 33 -2.66 -13.47 6.10
CA ALA C 33 -1.31 -13.49 5.51
C ALA C 33 -1.36 -13.64 4.01
N ASN C 34 -2.49 -14.07 3.46
CA ASN C 34 -2.59 -14.26 2.02
C ASN C 34 -3.06 -13.00 1.26
N LEU C 35 -3.36 -11.93 1.99
CA LEU C 35 -3.78 -10.69 1.37
C LEU C 35 -2.55 -9.94 0.84
N ARG C 36 -2.68 -9.41 -0.37
CA ARG C 36 -1.63 -8.63 -1.03
C ARG C 36 -2.26 -7.38 -1.61
N LEU C 37 -1.71 -6.21 -1.28
CA LEU C 37 -2.12 -4.96 -1.91
C LEU C 37 -1.27 -4.74 -3.18
N ILE C 38 -1.92 -4.73 -4.33
CA ILE C 38 -1.20 -4.69 -5.61
C ILE C 38 -0.83 -3.28 -6.00
N SER C 39 -1.82 -2.40 -6.05
CA SER C 39 -1.61 -1.06 -6.56
C SER C 39 -2.74 -0.13 -6.17
N LYS C 40 -2.51 1.17 -6.35
CA LYS C 40 -3.49 2.20 -6.03
C LYS C 40 -3.69 3.17 -7.18
N PHE C 41 -4.84 3.80 -7.19
CA PHE C 41 -5.12 4.81 -8.22
C PHE C 41 -6.13 5.84 -7.75
N ASP C 42 -6.11 7.00 -8.42
CA ASP C 42 -7.07 8.02 -8.14
C ASP C 42 -7.48 8.87 -9.34
N THR C 43 -7.37 8.31 -10.53
CA THR C 43 -8.00 8.90 -11.71
C THR C 43 -8.67 7.78 -12.50
N VAL C 44 -9.58 8.13 -13.41
CA VAL C 44 -10.29 7.14 -14.22
C VAL C 44 -9.26 6.37 -15.11
N GLU C 45 -8.32 7.12 -15.68
CA GLU C 45 -7.39 6.55 -16.65
C GLU C 45 -6.38 5.62 -15.97
N ASP C 46 -5.96 5.97 -14.77
CA ASP C 46 -5.10 5.09 -13.99
C ASP C 46 -5.89 3.82 -13.56
N PHE C 47 -7.20 3.95 -13.33
CA PHE C 47 -8.00 2.75 -13.09
C PHE C 47 -7.89 1.82 -14.31
N TRP C 48 -8.18 2.35 -15.48
CA TRP C 48 -8.11 1.52 -16.69
C TRP C 48 -6.73 0.96 -16.95
N ALA C 49 -5.69 1.76 -16.74
CA ALA C 49 -4.34 1.25 -16.91
C ALA C 49 -4.09 0.05 -16.01
N LEU C 50 -4.50 0.11 -14.76
CA LEU C 50 -4.36 -1.08 -13.90
C LEU C 50 -5.25 -2.25 -14.37
N TYR C 51 -6.53 -1.98 -14.60
CA TYR C 51 -7.49 -2.99 -15.05
C TYR C 51 -7.00 -3.74 -16.32
N ASN C 52 -6.53 -2.97 -17.28
CA ASN C 52 -6.02 -3.49 -18.56
C ASN C 52 -4.84 -4.42 -18.41
N HIS C 53 -4.16 -4.40 -17.27
CA HIS C 53 -2.93 -5.17 -17.14
C HIS C 53 -2.95 -6.14 -15.97
N ILE C 54 -4.13 -6.60 -15.60
CA ILE C 54 -4.28 -7.66 -14.60
C ILE C 54 -5.24 -8.71 -15.14
N GLN C 55 -5.23 -9.89 -14.54
CA GLN C 55 -6.04 -10.99 -15.01
C GLN C 55 -7.52 -10.71 -14.77
N LEU C 56 -8.37 -11.04 -15.73
CA LEU C 56 -9.83 -11.00 -15.52
C LEU C 56 -10.21 -12.03 -14.50
N SER C 57 -11.22 -11.73 -13.71
CA SER C 57 -11.64 -12.61 -12.59
C SER C 57 -11.94 -14.04 -13.06
N SER C 58 -12.58 -14.14 -14.21
CA SER C 58 -12.98 -15.42 -14.76
C SER C 58 -11.77 -16.30 -15.10
N ASN C 59 -10.57 -15.71 -15.14
CA ASN C 59 -9.36 -16.49 -15.44
C ASN C 59 -8.49 -16.75 -14.20
N LEU C 60 -8.97 -16.38 -13.00
CA LEU C 60 -8.26 -16.67 -11.74
C LEU C 60 -8.49 -18.10 -11.32
N MET C 61 -7.53 -18.63 -10.57
CA MET C 61 -7.68 -19.95 -10.02
C MET C 61 -8.72 -19.92 -8.92
N PRO C 62 -9.54 -20.97 -8.83
CA PRO C 62 -10.45 -21.14 -7.71
C PRO C 62 -9.76 -20.95 -6.38
N GLY C 63 -10.40 -20.15 -5.52
CA GLY C 63 -9.87 -19.85 -4.22
C GLY C 63 -9.33 -18.45 -4.11
N CYS C 64 -9.11 -17.79 -5.25
CA CYS C 64 -8.55 -16.42 -5.22
C CYS C 64 -9.64 -15.37 -5.20
N ASP C 65 -9.27 -14.19 -4.68
CA ASP C 65 -10.13 -13.03 -4.67
C ASP C 65 -9.47 -11.80 -5.25
N TYR C 66 -10.31 -10.88 -5.73
CA TYR C 66 -9.87 -9.50 -5.90
C TYR C 66 -10.72 -8.67 -4.95
N SER C 67 -10.14 -7.61 -4.41
CA SER C 67 -10.91 -6.63 -3.64
C SER C 67 -10.52 -5.26 -4.05
N LEU C 68 -11.50 -4.36 -4.15
CA LEU C 68 -11.20 -2.94 -4.35
C LEU C 68 -11.72 -2.14 -3.20
N PHE C 69 -10.82 -1.51 -2.43
CA PHE C 69 -11.27 -0.75 -1.26
C PHE C 69 -10.69 0.65 -1.26
N LYS C 70 -11.45 1.56 -0.67
CA LYS C 70 -10.92 2.90 -0.41
C LYS C 70 -9.58 2.89 0.37
N ASP C 71 -8.74 3.84 0.02
CA ASP C 71 -7.40 3.95 0.60
C ASP C 71 -7.51 4.01 2.12
N GLY C 72 -6.76 3.18 2.83
CA GLY C 72 -6.83 3.11 4.29
C GLY C 72 -7.79 2.08 4.90
N ILE C 73 -8.56 1.38 4.07
CA ILE C 73 -9.46 0.34 4.54
C ILE C 73 -9.00 -1.04 4.06
N GLU C 74 -8.73 -1.94 5.01
CA GLU C 74 -8.34 -3.28 4.66
C GLU C 74 -9.59 -4.08 4.33
N PRO C 75 -9.50 -5.00 3.35
CA PRO C 75 -10.66 -5.75 2.88
C PRO C 75 -10.97 -6.91 3.82
N MET C 76 -11.18 -6.60 5.10
CA MET C 76 -11.48 -7.60 6.11
C MET C 76 -12.48 -7.09 7.14
N TRP C 77 -13.22 -8.04 7.74
CA TRP C 77 -14.20 -7.68 8.76
C TRP C 77 -13.61 -6.82 9.86
N GLU C 78 -12.35 -7.08 10.19
CA GLU C 78 -11.77 -6.49 11.38
C GLU C 78 -11.46 -5.02 11.25
N ASP C 79 -11.42 -4.50 10.03
CA ASP C 79 -11.12 -3.09 9.84
C ASP C 79 -12.17 -2.26 10.55
N GLU C 80 -11.76 -1.17 11.19
CA GLU C 80 -12.69 -0.32 11.92
C GLU C 80 -13.88 0.09 11.04
N LYS C 81 -13.66 0.29 9.74
CA LYS C 81 -14.73 0.73 8.85
C LYS C 81 -15.64 -0.40 8.33
N ASN C 82 -15.26 -1.65 8.60
CA ASN C 82 -16.08 -2.80 8.19
C ASN C 82 -16.78 -3.53 9.34
N LYS C 83 -16.22 -3.46 10.53
CA LYS C 83 -16.71 -4.32 11.62
C LYS C 83 -18.17 -4.09 11.98
N ARG C 84 -18.68 -2.86 11.85
CA ARG C 84 -20.09 -2.55 12.11
C ARG C 84 -20.95 -2.68 10.85
N GLY C 85 -20.33 -3.16 9.78
CA GLY C 85 -20.94 -3.07 8.47
C GLY C 85 -21.38 -4.40 7.92
N GLY C 86 -21.37 -4.51 6.59
CA GLY C 86 -21.88 -5.71 5.95
C GLY C 86 -21.79 -5.61 4.44
N ARG C 87 -22.42 -6.55 3.73
CA ARG C 87 -22.27 -6.61 2.28
C ARG C 87 -23.55 -6.91 1.53
N TRP C 88 -23.74 -6.23 0.38
CA TRP C 88 -24.72 -6.68 -0.62
C TRP C 88 -24.07 -7.79 -1.45
N LEU C 89 -24.71 -8.98 -1.43
CA LEU C 89 -24.17 -10.16 -2.06
C LEU C 89 -24.87 -10.61 -3.38
N ILE C 90 -24.05 -10.82 -4.40
CA ILE C 90 -24.46 -11.39 -5.69
C ILE C 90 -23.85 -12.76 -5.79
N THR C 91 -24.67 -13.79 -6.01
CA THR C 91 -24.15 -15.15 -6.21
C THR C 91 -24.36 -15.60 -7.66
N LEU C 92 -23.31 -16.17 -8.23
CA LEU C 92 -23.35 -16.70 -9.59
C LEU C 92 -23.17 -18.20 -9.55
N ASN C 93 -23.84 -18.92 -10.43
CA ASN C 93 -23.52 -20.33 -10.62
C ASN C 93 -22.41 -20.50 -11.67
N LYS C 94 -22.02 -21.75 -11.92
CA LYS C 94 -20.85 -22.04 -12.75
C LYS C 94 -21.00 -21.57 -14.19
N GLN C 95 -22.16 -21.81 -14.79
CA GLN C 95 -22.39 -21.43 -16.18
C GLN C 95 -22.16 -19.95 -16.40
N GLN C 96 -22.39 -19.16 -15.36
CA GLN C 96 -22.28 -17.72 -15.46
C GLN C 96 -20.85 -17.22 -15.41
N ARG C 97 -19.88 -18.10 -15.24
CA ARG C 97 -18.51 -17.61 -15.08
C ARG C 97 -18.03 -16.89 -16.33
N ARG C 98 -18.33 -17.47 -17.49
CA ARG C 98 -17.85 -16.95 -18.75
C ARG C 98 -18.79 -15.88 -19.29
N SER C 99 -20.06 -15.90 -18.87
CA SER C 99 -21.04 -14.96 -19.43
C SER C 99 -21.24 -13.69 -18.58
N ASP C 100 -21.19 -13.80 -17.26
CA ASP C 100 -21.57 -12.67 -16.40
C ASP C 100 -20.52 -12.18 -15.39
N LEU C 101 -19.61 -13.05 -14.95
CA LEU C 101 -18.75 -12.73 -13.81
C LEU C 101 -17.97 -11.44 -14.06
N ASP C 102 -17.29 -11.40 -15.20
CA ASP C 102 -16.42 -10.26 -15.50
C ASP C 102 -17.19 -8.97 -15.72
N ARG C 103 -18.35 -9.03 -16.40
CA ARG C 103 -19.05 -7.78 -16.62
C ARG C 103 -19.72 -7.34 -15.33
N PHE C 104 -20.19 -8.27 -14.51
CA PHE C 104 -20.72 -7.90 -13.19
C PHE C 104 -19.64 -7.22 -12.34
N TRP C 105 -18.46 -7.81 -12.31
CA TRP C 105 -17.37 -7.24 -11.51
C TRP C 105 -16.99 -5.86 -12.03
N LEU C 106 -16.87 -5.70 -13.35
CA LEU C 106 -16.54 -4.38 -13.87
C LEU C 106 -17.65 -3.38 -13.50
N GLU C 107 -18.93 -3.74 -13.70
CA GLU C 107 -20.00 -2.79 -13.35
C GLU C 107 -19.87 -2.40 -11.85
N THR C 108 -19.47 -3.36 -11.04
CA THR C 108 -19.32 -3.11 -9.63
C THR C 108 -18.20 -2.07 -9.40
N LEU C 109 -17.06 -2.32 -10.03
CA LEU C 109 -15.96 -1.36 -9.93
C LEU C 109 -16.38 0.03 -10.38
N LEU C 110 -17.16 0.12 -11.46
CA LEU C 110 -17.54 1.45 -11.94
C LEU C 110 -18.50 2.15 -10.99
N CYS C 111 -19.36 1.36 -10.32
CA CYS C 111 -20.23 1.92 -9.29
C CYS C 111 -19.43 2.51 -8.16
N LEU C 112 -18.34 1.83 -7.79
CA LEU C 112 -17.47 2.33 -6.75
C LEU C 112 -16.75 3.61 -7.17
N ILE C 113 -15.93 3.55 -8.22
CA ILE C 113 -15.08 4.70 -8.51
C ILE C 113 -15.87 5.90 -9.02
N GLY C 114 -17.03 5.67 -9.62
CA GLY C 114 -17.84 6.76 -10.12
C GLY C 114 -18.78 7.36 -9.09
N GLU C 115 -18.80 6.79 -7.88
CA GLU C 115 -19.64 7.28 -6.76
C GLU C 115 -21.14 7.29 -7.14
N SER C 116 -21.63 6.13 -7.50
CA SER C 116 -22.95 6.01 -8.10
C SER C 116 -24.13 6.03 -7.13
N PHE C 117 -23.87 6.10 -5.82
CA PHE C 117 -24.96 6.01 -4.84
C PHE C 117 -25.26 7.33 -4.14
N ASP C 118 -24.97 8.42 -4.84
CA ASP C 118 -25.22 9.75 -4.30
C ASP C 118 -24.45 9.91 -2.99
N ASP C 119 -25.02 10.60 -2.01
CA ASP C 119 -24.33 10.85 -0.74
C ASP C 119 -24.01 9.56 -0.02
N TYR C 120 -24.87 8.57 -0.21
CA TYR C 120 -24.66 7.28 0.42
C TYR C 120 -23.43 6.57 -0.14
N SER C 121 -22.82 7.10 -1.20
CA SER C 121 -21.58 6.51 -1.64
C SER C 121 -20.54 6.58 -0.51
N ASP C 122 -20.72 7.52 0.41
CA ASP C 122 -19.83 7.63 1.54
C ASP C 122 -19.89 6.41 2.46
N ASP C 123 -21.00 5.66 2.43
CA ASP C 123 -21.09 4.43 3.24
C ASP C 123 -20.33 3.25 2.62
N VAL C 124 -19.90 3.40 1.37
CA VAL C 124 -19.28 2.30 0.66
C VAL C 124 -17.84 2.18 1.11
N CYS C 125 -17.39 0.96 1.38
CA CYS C 125 -16.00 0.72 1.80
C CYS C 125 -15.21 0.15 0.64
N GLY C 126 -15.87 -0.76 -0.08
CA GLY C 126 -15.25 -1.45 -1.20
C GLY C 126 -16.08 -2.57 -1.75
N ALA C 127 -15.45 -3.38 -2.55
CA ALA C 127 -16.09 -4.58 -3.11
C ALA C 127 -15.12 -5.72 -3.25
N VAL C 128 -15.71 -6.90 -3.33
CA VAL C 128 -14.98 -8.14 -3.40
C VAL C 128 -15.55 -9.10 -4.42
N VAL C 129 -14.66 -9.74 -5.17
CA VAL C 129 -15.03 -10.90 -5.97
C VAL C 129 -14.27 -12.14 -5.51
N ASN C 130 -15.07 -13.17 -5.19
CA ASN C 130 -14.57 -14.50 -4.89
C ASN C 130 -14.78 -15.44 -6.04
N VAL C 131 -13.69 -16.06 -6.49
CA VAL C 131 -13.74 -17.11 -7.48
C VAL C 131 -13.67 -18.45 -6.78
N ARG C 132 -14.72 -19.23 -6.96
CA ARG C 132 -14.94 -20.43 -6.16
C ARG C 132 -15.55 -21.51 -7.03
N ALA C 133 -15.06 -22.73 -6.85
CA ALA C 133 -15.55 -23.84 -7.63
C ALA C 133 -17.02 -24.05 -7.36
N LYS C 134 -17.45 -23.73 -6.14
CA LYS C 134 -18.84 -23.91 -5.72
C LYS C 134 -19.74 -22.95 -6.47
N GLY C 135 -19.19 -21.80 -6.83
CA GLY C 135 -19.97 -20.72 -7.39
C GLY C 135 -19.31 -19.42 -7.02
N ASP C 136 -19.25 -18.49 -7.96
CA ASP C 136 -18.55 -17.24 -7.73
C ASP C 136 -19.44 -16.25 -7.00
N LYS C 137 -18.79 -15.32 -6.31
CA LYS C 137 -19.52 -14.31 -5.55
C LYS C 137 -18.97 -12.92 -5.84
N ILE C 138 -19.88 -11.95 -5.92
CA ILE C 138 -19.46 -10.54 -5.96
C ILE C 138 -20.23 -9.78 -4.89
N ALA C 139 -19.57 -8.85 -4.22
CA ALA C 139 -20.23 -8.12 -3.14
C ALA C 139 -19.77 -6.69 -2.99
N ILE C 140 -20.70 -5.82 -2.60
CA ILE C 140 -20.32 -4.47 -2.16
C ILE C 140 -20.41 -4.34 -0.62
N TRP C 141 -19.29 -4.01 0.00
CA TRP C 141 -19.21 -3.86 1.44
C TRP C 141 -19.50 -2.42 1.86
N THR C 142 -20.37 -2.25 2.87
CA THR C 142 -20.64 -0.93 3.42
C THR C 142 -20.35 -0.93 4.94
N THR C 143 -20.29 0.30 5.48
CA THR C 143 -19.63 0.54 6.76
C THR C 143 -20.51 0.36 7.99
N GLU C 144 -21.83 0.46 7.82
CA GLU C 144 -22.75 0.44 8.96
C GLU C 144 -24.05 -0.32 8.66
N CYS C 145 -24.19 -1.53 9.20
CA CYS C 145 -25.37 -2.33 8.85
C CYS C 145 -26.66 -1.80 9.48
N GLU C 146 -26.58 -0.81 10.37
CA GLU C 146 -27.77 -0.22 11.00
C GLU C 146 -28.37 0.96 10.23
N ASN C 147 -27.59 1.53 9.31
CA ASN C 147 -28.05 2.67 8.53
C ASN C 147 -28.94 2.19 7.38
N ARG C 148 -30.21 1.97 7.71
CA ARG C 148 -31.15 1.28 6.84
C ARG C 148 -31.37 1.99 5.50
N ASP C 149 -31.49 3.31 5.54
CA ASP C 149 -31.78 4.09 4.35
C ASP C 149 -30.62 3.99 3.35
N ALA C 150 -29.40 4.14 3.85
CA ALA C 150 -28.20 4.09 2.99
C ALA C 150 -28.01 2.70 2.36
N VAL C 151 -28.03 1.69 3.21
CA VAL C 151 -27.91 0.31 2.76
C VAL C 151 -28.97 -0.02 1.70
N THR C 152 -30.22 0.32 2.00
CA THR C 152 -31.31 0.05 1.06
C THR C 152 -31.15 0.79 -0.28
N HIS C 153 -30.79 2.07 -0.23
CA HIS C 153 -30.49 2.80 -1.47
C HIS C 153 -29.38 2.14 -2.29
N ILE C 154 -28.29 1.78 -1.63
CA ILE C 154 -27.16 1.15 -2.31
C ILE C 154 -27.60 -0.16 -2.98
N GLY C 155 -28.35 -0.99 -2.24
CA GLY C 155 -28.88 -2.20 -2.82
C GLY C 155 -29.71 -1.99 -4.09
N ARG C 156 -30.66 -1.04 -4.03
CA ARG C 156 -31.54 -0.82 -5.18
C ARG C 156 -30.79 -0.32 -6.41
N VAL C 157 -29.93 0.68 -6.21
CA VAL C 157 -29.12 1.20 -7.31
C VAL C 157 -28.20 0.12 -7.88
N TYR C 158 -27.55 -0.62 -7.00
CA TYR C 158 -26.64 -1.69 -7.42
C TYR C 158 -27.39 -2.68 -8.30
N LYS C 159 -28.51 -3.19 -7.79
CA LYS C 159 -29.27 -4.19 -8.51
C LYS C 159 -29.61 -3.61 -9.91
N GLU C 160 -30.08 -2.37 -9.95
CA GLU C 160 -30.36 -1.72 -11.24
C GLU C 160 -29.15 -1.62 -12.16
N ARG C 161 -27.99 -1.25 -11.61
CA ARG C 161 -26.80 -1.05 -12.42
C ARG C 161 -26.25 -2.38 -12.93
N LEU C 162 -26.47 -3.46 -12.20
CA LEU C 162 -26.11 -4.78 -12.72
C LEU C 162 -27.05 -5.29 -13.82
N GLY C 163 -28.19 -4.63 -14.00
CA GLY C 163 -29.17 -5.05 -14.97
C GLY C 163 -29.94 -6.27 -14.54
N LEU C 164 -30.00 -6.54 -13.24
CA LEU C 164 -30.71 -7.72 -12.75
C LEU C 164 -32.21 -7.51 -12.87
N PRO C 165 -32.93 -8.52 -13.37
CA PRO C 165 -34.39 -8.37 -13.42
C PRO C 165 -34.97 -8.12 -12.02
N PRO C 166 -35.86 -7.11 -11.88
CA PRO C 166 -36.34 -6.66 -10.57
C PRO C 166 -37.19 -7.68 -9.84
N LYS C 167 -37.44 -8.82 -10.46
CA LYS C 167 -38.07 -9.94 -9.78
C LYS C 167 -37.03 -10.58 -8.88
N ILE C 168 -35.79 -10.58 -9.35
CA ILE C 168 -34.69 -11.13 -8.59
C ILE C 168 -34.46 -10.34 -7.31
N VAL C 169 -34.24 -11.07 -6.24
CA VAL C 169 -33.96 -10.48 -4.94
C VAL C 169 -32.50 -10.66 -4.58
N ILE C 170 -31.89 -9.63 -4.00
CA ILE C 170 -30.53 -9.76 -3.49
C ILE C 170 -30.56 -9.45 -2.01
N GLY C 171 -29.61 -10.06 -1.31
CA GLY C 171 -29.50 -9.96 0.13
C GLY C 171 -28.27 -9.21 0.66
N TYR C 172 -28.50 -8.52 1.77
CA TYR C 172 -27.46 -7.83 2.51
C TYR C 172 -27.18 -8.58 3.81
N GLN C 173 -25.94 -9.00 4.00
CA GLN C 173 -25.54 -9.71 5.23
C GLN C 173 -24.60 -8.85 6.09
N SER C 174 -24.82 -8.88 7.39
CA SER C 174 -23.94 -8.28 8.38
C SER C 174 -22.66 -9.07 8.49
N HIS C 175 -21.50 -8.41 8.53
CA HIS C 175 -20.24 -9.14 8.76
C HIS C 175 -20.25 -9.80 10.15
N ALA C 176 -20.88 -9.15 11.13
CA ALA C 176 -20.97 -9.76 12.46
C ALA C 176 -21.61 -11.15 12.30
N ASP C 177 -22.73 -11.21 11.60
CA ASP C 177 -23.39 -12.49 11.34
C ASP C 177 -22.54 -13.42 10.48
N THR C 178 -21.92 -12.89 9.44
CA THR C 178 -21.15 -13.76 8.54
C THR C 178 -20.03 -14.46 9.30
N ALA C 179 -19.38 -13.73 10.20
CA ALA C 179 -18.20 -14.25 10.85
C ALA C 179 -18.50 -15.43 11.80
N THR C 180 -19.76 -15.60 12.21
CA THR C 180 -20.09 -16.61 13.21
C THR C 180 -20.71 -17.88 12.59
N THR C 185 -23.56 -20.56 5.61
CA THR C 185 -24.56 -19.77 4.87
C THR C 185 -25.38 -18.85 5.81
N THR C 186 -25.23 -17.55 5.60
CA THR C 186 -25.71 -16.52 6.51
C THR C 186 -27.00 -15.87 6.03
N LYS C 187 -27.95 -15.67 6.92
CA LYS C 187 -29.20 -15.01 6.56
C LYS C 187 -29.04 -13.48 6.50
N ASN C 188 -30.04 -12.82 5.91
CA ASN C 188 -29.99 -11.40 5.60
C ASN C 188 -30.56 -10.41 6.66
N ARG C 189 -29.95 -9.23 6.74
CA ARG C 189 -30.49 -8.09 7.48
C ARG C 189 -31.48 -7.29 6.63
N PHE C 190 -31.26 -7.30 5.32
CA PHE C 190 -32.07 -6.57 4.35
C PHE C 190 -32.11 -7.38 3.08
N VAL C 191 -33.21 -7.24 2.36
CA VAL C 191 -33.36 -7.79 1.03
C VAL C 191 -34.00 -6.75 0.13
N VAL C 192 -33.57 -6.72 -1.12
CA VAL C 192 -34.09 -5.77 -2.10
C VAL C 192 -34.35 -6.48 -3.43
N ARG D 11 -18.41 16.88 -4.81
CA ARG D 11 -18.52 15.44 -5.07
C ARG D 11 -18.35 15.11 -6.55
N ILE D 12 -17.35 14.29 -6.84
CA ILE D 12 -17.04 13.90 -8.21
C ILE D 12 -17.71 12.59 -8.56
N ILE D 13 -18.61 12.64 -9.54
CA ILE D 13 -19.49 11.54 -9.89
C ILE D 13 -19.36 11.30 -11.38
N TYR D 14 -19.24 10.04 -11.77
CA TYR D 14 -19.15 9.66 -13.19
C TYR D 14 -20.12 8.53 -13.51
N ASP D 15 -20.87 8.65 -14.59
CA ASP D 15 -21.74 7.55 -14.98
C ASP D 15 -20.95 6.57 -15.82
N ARG D 16 -21.60 5.45 -16.14
CA ARG D 16 -20.96 4.33 -16.82
C ARG D 16 -20.35 4.77 -18.16
N LYS D 17 -21.15 5.46 -18.96
CA LYS D 17 -20.77 5.89 -20.30
C LYS D 17 -19.47 6.69 -20.28
N PHE D 18 -19.42 7.65 -19.38
CA PHE D 18 -18.27 8.54 -19.31
C PHE D 18 -17.03 7.74 -18.93
N LEU D 19 -17.19 6.81 -17.99
CA LEU D 19 -16.06 6.00 -17.53
C LEU D 19 -15.57 5.07 -18.63
N MET D 20 -16.52 4.46 -19.35
CA MET D 20 -16.14 3.57 -20.42
C MET D 20 -15.44 4.39 -21.52
N GLU D 21 -15.87 5.63 -21.73
CA GLU D 21 -15.25 6.43 -22.82
C GLU D 21 -13.80 6.79 -22.55
N CYS D 22 -13.43 6.79 -21.27
CA CYS D 22 -12.06 7.16 -20.89
C CYS D 22 -11.11 6.02 -21.17
N ARG D 23 -11.67 4.87 -21.47
CA ARG D 23 -10.87 3.67 -21.62
C ARG D 23 -9.97 3.77 -22.85
N ASN D 24 -10.23 4.78 -23.67
CA ASN D 24 -9.51 5.00 -24.91
C ASN D 24 -8.20 5.76 -24.77
N SER D 25 -8.01 6.47 -23.66
CA SER D 25 -6.81 7.30 -23.50
C SER D 25 -5.50 6.49 -23.62
N PRO D 26 -4.46 7.10 -24.22
CA PRO D 26 -3.18 6.37 -24.31
C PRO D 26 -2.56 6.09 -22.94
N VAL D 27 -2.92 6.84 -21.92
CA VAL D 27 -2.48 6.51 -20.56
C VAL D 27 -2.84 5.09 -20.19
N THR D 28 -3.96 4.62 -20.73
CA THR D 28 -4.49 3.34 -20.30
C THR D 28 -3.77 2.17 -20.99
N LYS D 29 -2.82 2.45 -21.89
CA LYS D 29 -2.15 1.39 -22.65
C LYS D 29 -0.82 0.95 -22.04
N THR D 30 -0.36 1.68 -21.03
CA THR D 30 0.87 1.37 -20.33
C THR D 30 0.53 0.92 -18.91
N PRO D 31 1.17 -0.16 -18.41
CA PRO D 31 0.91 -0.58 -17.03
C PRO D 31 1.44 0.42 -16.02
N PRO D 32 0.82 0.51 -14.85
CA PRO D 32 1.42 1.36 -13.82
C PRO D 32 2.87 0.99 -13.56
N ARG D 33 3.70 2.01 -13.39
CA ARG D 33 5.10 1.85 -13.02
C ARG D 33 5.33 0.91 -11.83
N ASP D 34 4.56 1.04 -10.77
CA ASP D 34 4.85 0.27 -9.57
C ASP D 34 4.41 -1.20 -9.64
N LEU D 35 3.88 -1.62 -10.78
CA LEU D 35 3.13 -2.87 -10.82
C LEU D 35 4.04 -4.07 -10.47
N PRO D 36 3.70 -4.81 -9.40
CA PRO D 36 4.56 -5.93 -9.03
C PRO D 36 4.35 -7.09 -9.98
N THR D 37 5.26 -8.04 -9.93
CA THR D 37 5.17 -9.22 -10.76
C THR D 37 4.54 -10.34 -9.93
N ILE D 38 3.33 -10.71 -10.31
CA ILE D 38 2.56 -11.75 -9.63
C ILE D 38 2.12 -12.77 -10.66
N PRO D 39 2.72 -13.97 -10.64
CA PRO D 39 2.53 -14.94 -11.73
C PRO D 39 1.06 -15.18 -12.04
N GLY D 40 0.70 -14.96 -13.30
CA GLY D 40 -0.66 -15.23 -13.71
C GLY D 40 -1.67 -14.18 -13.32
N VAL D 41 -1.22 -13.12 -12.63
CA VAL D 41 -2.11 -12.10 -12.16
C VAL D 41 -1.76 -10.75 -12.80
N THR D 42 -0.48 -10.39 -12.80
CA THR D 42 -0.05 -9.13 -13.43
C THR D 42 0.90 -9.31 -14.60
N SER D 43 0.86 -8.34 -15.49
CA SER D 43 1.87 -8.15 -16.52
C SER D 43 3.10 -7.41 -15.95
#